data_9UPT
#
_entry.id   9UPT
#
_cell.length_a   158.270
_cell.length_b   158.270
_cell.length_c   53.962
_cell.angle_alpha   90.000
_cell.angle_beta   90.000
_cell.angle_gamma   120.000
#
_symmetry.space_group_name_H-M   'P 6'
#
loop_
_entity.id
_entity.type
_entity.pdbx_description
1 polymer 'Beta-glucosidase A'
2 non-polymer GLYCEROL
3 water water
#
_entity_poly.entity_id   1
_entity_poly.type   'polypeptide(L)'
_entity_poly.pdbx_seq_one_letter_code
;MGSSHHHHHHSSGLVPRGSHMMSKITFPKDFIWGSATAAYQIEGAYNEDGKGESIWDRFSHTPGNIADGHTGDVACDHYH
RYEEDIKIMKEIGIKSYRFSISWPRIFPEGTGKLNQKGLDFYKRLTNLLLENGIMPAITLYHWDLPQKLQDKGGWKNRDT
TDYFTEYSEVIFKNLGDIVPIWFTHNEPGVVSLLGHFLGIHAPGIKDLRTSLEVSHNLLLSHGKAVKLFREMNIDAQIGI
ALNLSYHYPASEKAEDIEAAELSFSLAGRWYLDPVLKGRYPENALKLYKKKGIELSFPEDDLKLISQPIDFIAFNNYSSE
FIKYDPSSESGFSPANSILEKFEKTDMGWIIYPEGLYDLLMLLDRDYGKPNIVISENGAAFKDEIGSNGKIEDTKRIQYL
KDYLTQAHRAIQDGVNLKAYYLWSLLDNFEWAYGYNKRFGIVHVNFDTLERKIKDSGYWYKEVIKNNGF
;
_entity_poly.pdbx_strand_id   A
#
loop_
_chem_comp.id
_chem_comp.type
_chem_comp.name
_chem_comp.formula
GOL non-polymer GLYCEROL 'C3 H8 O3'
#
# COMPACT_ATOMS: atom_id res chain seq x y z
N SER A 23 12.34 -20.79 -20.91
CA SER A 23 11.14 -20.84 -21.78
C SER A 23 9.92 -20.24 -21.08
N LYS A 24 8.95 -19.84 -21.92
CA LYS A 24 7.94 -18.85 -21.61
C LYS A 24 6.99 -19.33 -20.51
N ILE A 25 6.71 -18.44 -19.54
CA ILE A 25 5.61 -18.65 -18.60
C ILE A 25 4.43 -17.77 -19.01
N THR A 26 3.22 -18.27 -18.75
CA THR A 26 1.96 -17.65 -19.13
C THR A 26 1.06 -17.66 -17.89
N PHE A 27 0.39 -16.53 -17.64
CA PHE A 27 -0.43 -16.35 -16.45
C PHE A 27 -1.83 -16.87 -16.78
N PRO A 28 -2.75 -17.04 -15.80
CA PRO A 28 -4.13 -17.43 -16.10
C PRO A 28 -4.74 -16.48 -17.11
N LYS A 29 -5.90 -16.85 -17.66
CA LYS A 29 -6.44 -16.12 -18.79
C LYS A 29 -7.08 -14.80 -18.37
N ASP A 30 -7.66 -14.71 -17.17
CA ASP A 30 -8.36 -13.46 -16.85
C ASP A 30 -7.45 -12.48 -16.08
N PHE A 31 -6.18 -12.87 -15.88
CA PHE A 31 -5.30 -12.23 -14.93
C PHE A 31 -5.19 -10.73 -15.19
N ILE A 32 -5.18 -9.94 -14.10
CA ILE A 32 -5.20 -8.48 -14.21
C ILE A 32 -3.81 -7.90 -13.96
N TRP A 33 -3.29 -7.26 -15.01
CA TRP A 33 -2.00 -6.61 -15.03
C TRP A 33 -2.21 -5.11 -14.76
N GLY A 34 -1.55 -4.59 -13.72
CA GLY A 34 -1.87 -3.24 -13.26
C GLY A 34 -0.63 -2.44 -12.87
N SER A 35 -0.89 -1.18 -12.52
CA SER A 35 0.13 -0.31 -12.00
C SER A 35 -0.49 0.62 -10.96
N ALA A 36 0.33 1.10 -10.01
CA ALA A 36 -0.26 1.72 -8.84
C ALA A 36 0.43 3.03 -8.49
N THR A 37 -0.36 3.89 -7.84
CA THR A 37 0.09 5.16 -7.30
C THR A 37 -0.69 5.43 -6.03
N ALA A 38 -0.34 6.53 -5.38
CA ALA A 38 -1.05 7.12 -4.27
C ALA A 38 -1.05 8.64 -4.45
N ALA A 39 -2.11 9.29 -3.95
CA ALA A 39 -2.42 10.67 -4.26
C ALA A 39 -1.35 11.65 -3.79
N TYR A 40 -0.91 11.52 -2.55
CA TYR A 40 0.02 12.50 -2.04
C TYR A 40 1.35 12.31 -2.77
N GLN A 41 1.64 11.11 -3.24
CA GLN A 41 2.93 10.84 -3.85
C GLN A 41 3.07 11.41 -5.26
N ILE A 42 1.95 11.65 -5.99
CA ILE A 42 2.00 12.07 -7.40
C ILE A 42 1.19 13.33 -7.69
N GLU A 43 0.21 13.72 -6.87
CA GLU A 43 -0.79 14.68 -7.34
C GLU A 43 -0.28 16.13 -7.36
N GLY A 44 0.49 16.53 -6.36
CA GLY A 44 0.74 17.93 -6.08
C GLY A 44 -0.56 18.72 -5.89
N ALA A 45 -0.53 20.01 -6.28
CA ALA A 45 -1.68 20.90 -6.14
C ALA A 45 -2.21 20.82 -4.70
N TYR A 46 -1.27 20.87 -3.77
CA TYR A 46 -1.52 20.61 -2.37
C TYR A 46 -2.48 21.63 -1.77
N ASN A 47 -2.54 22.85 -2.32
CA ASN A 47 -3.42 23.86 -1.76
C ASN A 47 -4.21 24.56 -2.86
N GLU A 48 -4.90 23.78 -3.68
CA GLU A 48 -5.70 24.28 -4.78
C GLU A 48 -7.13 23.76 -4.66
N ASP A 49 -8.10 24.50 -5.24
CA ASP A 49 -9.51 24.11 -5.29
C ASP A 49 -10.09 23.80 -3.90
N GLY A 50 -9.64 24.50 -2.86
CA GLY A 50 -10.18 24.35 -1.51
C GLY A 50 -9.67 23.10 -0.78
N LYS A 51 -8.67 22.41 -1.32
CA LYS A 51 -8.22 21.19 -0.66
C LYS A 51 -7.75 21.54 0.75
N GLY A 52 -8.21 20.81 1.75
CA GLY A 52 -7.73 21.02 3.13
C GLY A 52 -6.33 20.46 3.37
N GLU A 53 -5.63 20.97 4.38
CA GLU A 53 -4.32 20.44 4.76
C GLU A 53 -4.52 18.99 5.20
N SER A 54 -3.63 18.11 4.79
CA SER A 54 -3.53 16.74 5.28
C SER A 54 -2.37 16.69 6.27
N ILE A 55 -2.23 15.56 6.95
CA ILE A 55 -1.20 15.37 7.94
C ILE A 55 0.14 15.21 7.23
N TRP A 56 0.16 14.83 5.94
CA TRP A 56 1.43 14.68 5.23
C TRP A 56 1.94 16.04 4.71
N ASP A 57 1.03 16.95 4.35
CA ASP A 57 1.41 18.35 4.17
C ASP A 57 2.11 18.85 5.44
N ARG A 58 1.52 18.62 6.62
CA ARG A 58 2.07 19.17 7.85
C ARG A 58 3.44 18.54 8.18
N PHE A 59 3.51 17.20 8.05
CA PHE A 59 4.73 16.47 8.30
C PHE A 59 5.83 16.88 7.30
N SER A 60 5.45 17.13 6.05
CA SER A 60 6.42 17.48 5.01
C SER A 60 6.94 18.90 5.18
N HIS A 61 6.17 19.76 5.85
CA HIS A 61 6.57 21.14 6.00
C HIS A 61 7.51 21.30 7.19
N THR A 62 8.00 20.25 7.80
CA THR A 62 8.83 20.44 8.97
C THR A 62 10.21 19.94 8.62
N PRO A 63 11.24 20.81 8.65
CA PRO A 63 12.61 20.33 8.47
C PRO A 63 12.99 19.15 9.37
N GLY A 64 13.75 18.21 8.80
CA GLY A 64 14.31 17.06 9.48
C GLY A 64 13.51 15.79 9.26
N ASN A 65 12.29 15.92 8.74
CA ASN A 65 11.35 14.82 8.59
C ASN A 65 11.59 14.04 7.29
N ILE A 66 11.94 14.77 6.23
CA ILE A 66 12.05 14.25 4.87
C ILE A 66 13.47 14.44 4.38
N ALA A 67 13.98 13.46 3.64
CA ALA A 67 15.27 13.57 3.00
C ALA A 67 15.33 14.83 2.12
N ASP A 68 16.34 15.67 2.40
CA ASP A 68 16.71 16.81 1.58
C ASP A 68 15.65 17.91 1.65
N GLY A 69 14.70 17.84 2.58
CA GLY A 69 13.71 18.89 2.63
C GLY A 69 12.71 18.79 1.50
N HIS A 70 12.59 17.62 0.86
CA HIS A 70 11.62 17.43 -0.20
C HIS A 70 10.20 17.52 0.36
N THR A 71 9.25 17.86 -0.50
CA THR A 71 7.85 17.91 -0.12
C THR A 71 7.00 17.46 -1.29
N GLY A 72 5.75 17.14 -0.96
CA GLY A 72 4.74 16.75 -1.92
C GLY A 72 3.98 17.95 -2.47
N ASP A 73 4.48 19.18 -2.29
CA ASP A 73 3.74 20.35 -2.73
C ASP A 73 3.33 20.27 -4.20
N VAL A 74 4.28 19.80 -5.03
CA VAL A 74 4.09 19.71 -6.47
C VAL A 74 4.16 18.26 -6.94
N ALA A 75 5.21 17.53 -6.49
CA ALA A 75 5.34 16.12 -6.79
C ALA A 75 5.42 15.92 -8.30
N CYS A 76 4.66 15.01 -8.88
CA CYS A 76 4.60 14.85 -10.34
C CYS A 76 3.51 15.72 -10.98
N ASP A 77 2.84 16.57 -10.21
CA ASP A 77 1.78 17.45 -10.74
C ASP A 77 0.73 16.69 -11.55
N HIS A 78 0.34 15.51 -11.07
CA HIS A 78 -0.63 14.67 -11.76
C HIS A 78 -2.04 15.28 -11.74
N TYR A 79 -2.32 16.16 -10.77
CA TYR A 79 -3.58 16.87 -10.68
C TYR A 79 -3.86 17.67 -11.95
N HIS A 80 -2.78 18.14 -12.60
CA HIS A 80 -2.86 18.89 -13.85
C HIS A 80 -2.60 18.01 -15.07
N ARG A 81 -1.87 16.91 -14.92
CA ARG A 81 -1.29 16.21 -16.06
C ARG A 81 -1.87 14.82 -16.24
N TYR A 82 -3.00 14.56 -15.61
CA TYR A 82 -3.54 13.21 -15.63
C TYR A 82 -3.80 12.75 -17.06
N GLU A 83 -4.06 13.68 -17.99
CA GLU A 83 -4.39 13.30 -19.35
C GLU A 83 -3.16 12.73 -20.04
N GLU A 84 -2.01 13.38 -19.89
CA GLU A 84 -0.74 12.81 -20.31
C GLU A 84 -0.51 11.41 -19.69
N ASP A 85 -0.82 11.29 -18.40
CA ASP A 85 -0.50 10.07 -17.66
C ASP A 85 -1.37 8.91 -18.15
N ILE A 86 -2.63 9.19 -18.48
CA ILE A 86 -3.52 8.18 -19.04
C ILE A 86 -3.01 7.73 -20.41
N LYS A 87 -2.57 8.69 -21.26
CA LYS A 87 -1.95 8.38 -22.54
C LYS A 87 -0.83 7.38 -22.32
N ILE A 88 0.05 7.62 -21.33
CA ILE A 88 1.16 6.71 -21.04
C ILE A 88 0.63 5.33 -20.63
N MET A 89 -0.41 5.28 -19.81
CA MET A 89 -0.90 3.99 -19.38
C MET A 89 -1.37 3.17 -20.57
N LYS A 90 -2.06 3.84 -21.51
CA LYS A 90 -2.73 3.16 -22.60
C LYS A 90 -1.66 2.55 -23.50
N GLU A 91 -0.61 3.31 -23.78
CA GLU A 91 0.56 2.86 -24.52
C GLU A 91 1.26 1.67 -23.86
N ILE A 92 1.38 1.64 -22.53
CA ILE A 92 2.01 0.48 -21.92
C ILE A 92 1.00 -0.67 -21.97
N GLY A 93 -0.28 -0.32 -21.85
CA GLY A 93 -1.35 -1.30 -22.00
C GLY A 93 -1.84 -1.86 -20.68
N ILE A 94 -1.74 -1.13 -19.58
CA ILE A 94 -2.14 -1.71 -18.30
C ILE A 94 -3.64 -1.86 -18.28
N LYS A 95 -4.13 -2.92 -17.62
CA LYS A 95 -5.55 -3.26 -17.61
C LYS A 95 -6.24 -2.64 -16.39
N SER A 96 -5.51 -2.54 -15.28
CA SER A 96 -6.04 -1.83 -14.14
C SER A 96 -5.03 -0.78 -13.69
N TYR A 97 -5.55 0.36 -13.21
CA TYR A 97 -4.77 1.45 -12.67
C TYR A 97 -5.27 1.64 -11.25
N ARG A 98 -4.37 1.40 -10.28
CA ARG A 98 -4.69 1.57 -8.88
C ARG A 98 -4.23 2.96 -8.44
N PHE A 99 -5.15 3.70 -7.84
CA PHE A 99 -4.88 5.04 -7.36
C PHE A 99 -5.67 5.24 -6.09
N SER A 100 -5.36 6.32 -5.38
CA SER A 100 -6.03 6.61 -4.12
C SER A 100 -6.74 7.95 -4.25
N ILE A 101 -7.73 8.11 -3.39
CA ILE A 101 -8.44 9.37 -3.34
C ILE A 101 -7.98 10.10 -2.08
N SER A 102 -7.76 11.41 -2.25
CA SER A 102 -7.40 12.35 -1.20
C SER A 102 -8.64 12.85 -0.48
N TRP A 103 -8.83 12.31 0.72
CA TRP A 103 -9.97 12.66 1.56
C TRP A 103 -10.05 14.18 1.74
N PRO A 104 -8.97 14.90 2.10
CA PRO A 104 -9.05 16.35 2.22
C PRO A 104 -9.41 17.15 1.00
N ARG A 105 -9.35 16.56 -0.20
CA ARG A 105 -9.91 17.22 -1.37
C ARG A 105 -11.44 17.11 -1.41
N ILE A 106 -12.00 16.08 -0.77
CA ILE A 106 -13.43 15.82 -0.84
C ILE A 106 -14.09 16.53 0.33
N PHE A 107 -13.48 16.36 1.50
CA PHE A 107 -13.91 17.03 2.72
C PHE A 107 -12.70 17.71 3.34
N PRO A 108 -12.43 18.98 3.00
CA PRO A 108 -11.28 19.70 3.55
C PRO A 108 -11.08 19.67 5.05
N GLU A 109 -12.20 19.65 5.78
CA GLU A 109 -12.20 19.62 7.24
C GLU A 109 -12.46 18.20 7.74
N GLY A 110 -12.57 17.24 6.81
CA GLY A 110 -12.71 15.83 7.15
C GLY A 110 -14.16 15.40 7.32
N THR A 111 -14.99 16.35 7.72
CA THR A 111 -16.43 16.22 7.77
C THR A 111 -16.99 17.57 7.34
N GLY A 112 -18.32 17.68 7.29
CA GLY A 112 -18.93 18.96 7.01
C GLY A 112 -19.28 19.05 5.53
N LYS A 113 -18.94 20.15 4.87
CA LYS A 113 -19.43 20.37 3.53
C LYS A 113 -18.42 19.95 2.50
N LEU A 114 -19.04 19.47 1.42
CA LEU A 114 -18.42 18.65 0.41
C LEU A 114 -17.86 19.60 -0.63
N ASN A 115 -16.64 19.33 -1.04
CA ASN A 115 -15.93 20.17 -1.98
C ASN A 115 -16.08 19.53 -3.35
N GLN A 116 -17.00 20.06 -4.16
CA GLN A 116 -17.45 19.41 -5.38
C GLN A 116 -16.33 19.46 -6.39
N LYS A 117 -15.46 20.47 -6.32
CA LYS A 117 -14.37 20.56 -7.28
C LYS A 117 -13.44 19.35 -7.09
N GLY A 118 -13.13 19.00 -5.84
CA GLY A 118 -12.30 17.84 -5.58
C GLY A 118 -12.93 16.55 -6.10
N LEU A 119 -14.23 16.37 -5.84
CA LEU A 119 -14.97 15.19 -6.27
C LEU A 119 -15.00 15.09 -7.81
N ASP A 120 -15.12 16.22 -8.48
CA ASP A 120 -15.25 16.20 -9.93
C ASP A 120 -13.94 15.73 -10.53
N PHE A 121 -12.83 16.12 -9.88
CA PHE A 121 -11.53 15.63 -10.29
C PHE A 121 -11.54 14.10 -10.42
N TYR A 122 -11.96 13.40 -9.37
CA TYR A 122 -11.91 11.96 -9.40
C TYR A 122 -12.97 11.38 -10.34
N LYS A 123 -14.14 12.04 -10.43
CA LYS A 123 -15.19 11.60 -11.35
C LYS A 123 -14.65 11.62 -12.77
N ARG A 124 -13.98 12.72 -13.10
CA ARG A 124 -13.46 12.91 -14.43
C ARG A 124 -12.38 11.86 -14.70
N LEU A 125 -11.47 11.69 -13.73
CA LEU A 125 -10.34 10.78 -13.83
C LEU A 125 -10.84 9.37 -14.13
N THR A 126 -11.84 8.93 -13.36
CA THR A 126 -12.36 7.59 -13.47
C THR A 126 -13.03 7.40 -14.83
N ASN A 127 -13.82 8.39 -15.28
CA ASN A 127 -14.43 8.36 -16.60
C ASN A 127 -13.39 8.26 -17.71
N LEU A 128 -12.29 9.04 -17.61
CA LEU A 128 -11.26 9.00 -18.65
C LEU A 128 -10.56 7.64 -18.66
N LEU A 129 -10.46 7.00 -17.51
CA LEU A 129 -9.84 5.69 -17.48
C LEU A 129 -10.74 4.69 -18.21
N LEU A 130 -12.02 4.67 -17.86
CA LEU A 130 -12.98 3.73 -18.45
C LEU A 130 -13.07 3.94 -19.96
N GLU A 131 -13.08 5.20 -20.40
CA GLU A 131 -13.10 5.53 -21.82
C GLU A 131 -11.85 5.02 -22.54
N ASN A 132 -10.70 4.90 -21.86
CA ASN A 132 -9.48 4.39 -22.50
C ASN A 132 -9.27 2.90 -22.26
N GLY A 133 -10.29 2.22 -21.70
CA GLY A 133 -10.28 0.77 -21.58
C GLY A 133 -9.55 0.29 -20.32
N ILE A 134 -9.35 1.21 -19.34
CA ILE A 134 -8.60 0.90 -18.13
C ILE A 134 -9.57 0.79 -16.96
N MET A 135 -9.52 -0.36 -16.28
CA MET A 135 -10.28 -0.62 -15.07
C MET A 135 -9.71 0.17 -13.89
N PRO A 136 -10.53 1.02 -13.23
CA PRO A 136 -10.10 1.68 -12.00
C PRO A 136 -10.03 0.71 -10.83
N ALA A 137 -8.99 0.86 -10.01
CA ALA A 137 -8.96 0.25 -8.69
C ALA A 137 -8.68 1.35 -7.66
N ILE A 138 -9.66 1.66 -6.79
CA ILE A 138 -9.51 2.79 -5.89
C ILE A 138 -9.14 2.34 -4.48
N THR A 139 -8.15 3.02 -3.90
CA THR A 139 -7.85 2.98 -2.47
C THR A 139 -8.47 4.19 -1.81
N LEU A 140 -9.23 3.99 -0.73
CA LEU A 140 -9.96 5.08 -0.09
C LEU A 140 -9.03 5.87 0.82
N TYR A 141 -8.18 5.14 1.54
CA TYR A 141 -7.23 5.81 2.40
C TYR A 141 -5.83 5.31 2.12
N HIS A 142 -5.00 6.24 1.60
CA HIS A 142 -3.56 6.03 1.52
C HIS A 142 -2.86 7.18 2.25
N TRP A 143 -3.20 7.41 3.52
CA TRP A 143 -2.34 8.02 4.54
C TRP A 143 -2.57 9.52 4.76
N ASP A 144 -3.38 10.14 3.91
CA ASP A 144 -3.66 11.57 3.95
C ASP A 144 -4.92 11.92 4.76
N LEU A 145 -4.87 11.69 6.07
CA LEU A 145 -5.93 12.16 6.95
C LEU A 145 -5.98 13.69 6.92
N PRO A 146 -7.16 14.34 6.75
CA PRO A 146 -7.32 15.80 6.95
C PRO A 146 -6.78 16.22 8.30
N GLN A 147 -5.93 17.24 8.32
CA GLN A 147 -5.29 17.70 9.53
C GLN A 147 -6.31 18.18 10.56
N LYS A 148 -7.50 18.60 10.12
CA LYS A 148 -8.47 19.13 11.04
C LYS A 148 -8.87 18.00 11.99
N LEU A 149 -9.03 16.81 11.43
CA LEU A 149 -9.34 15.66 12.26
C LEU A 149 -8.13 15.26 13.09
N GLN A 150 -6.90 15.50 12.60
CA GLN A 150 -5.76 15.17 13.46
C GLN A 150 -5.74 16.10 14.67
N ASP A 151 -6.26 17.32 14.54
CA ASP A 151 -6.24 18.23 15.67
C ASP A 151 -7.07 17.67 16.82
N LYS A 152 -8.13 16.90 16.51
CA LYS A 152 -8.95 16.24 17.52
C LYS A 152 -8.49 14.81 17.84
N GLY A 153 -7.19 14.46 17.64
CA GLY A 153 -6.68 13.14 17.98
C GLY A 153 -6.52 12.18 16.78
N GLY A 154 -7.06 12.52 15.60
CA GLY A 154 -6.89 11.67 14.44
C GLY A 154 -7.42 10.25 14.67
N TRP A 155 -6.61 9.23 14.34
CA TRP A 155 -7.00 7.84 14.37
C TRP A 155 -7.04 7.29 15.80
N LYS A 156 -6.62 8.07 16.81
CA LYS A 156 -6.82 7.71 18.20
C LYS A 156 -8.27 7.97 18.60
N ASN A 157 -8.93 8.86 17.89
CA ASN A 157 -10.31 9.20 18.20
C ASN A 157 -11.22 8.33 17.35
N ARG A 158 -12.05 7.54 18.04
CA ARG A 158 -13.00 6.63 17.44
C ARG A 158 -13.96 7.34 16.49
N ASP A 159 -14.21 8.63 16.71
CA ASP A 159 -15.08 9.40 15.82
C ASP A 159 -14.54 9.46 14.38
N THR A 160 -13.22 9.31 14.24
CA THR A 160 -12.62 9.38 12.91
C THR A 160 -13.13 8.21 12.07
N THR A 161 -13.44 7.07 12.71
CA THR A 161 -13.96 5.91 12.00
C THR A 161 -15.35 6.22 11.40
N ASP A 162 -16.12 7.13 12.00
CA ASP A 162 -17.42 7.46 11.45
C ASP A 162 -17.27 8.46 10.31
N TYR A 163 -16.34 9.40 10.47
CA TYR A 163 -16.09 10.39 9.44
C TYR A 163 -15.58 9.69 8.19
N PHE A 164 -14.73 8.69 8.39
CA PHE A 164 -14.23 7.90 7.28
C PHE A 164 -15.36 7.24 6.51
N THR A 165 -16.41 6.82 7.22
CA THR A 165 -17.53 6.10 6.63
C THR A 165 -18.35 7.08 5.80
N GLU A 166 -18.53 8.32 6.32
CA GLU A 166 -19.24 9.38 5.64
C GLU A 166 -18.54 9.78 4.35
N TYR A 167 -17.21 9.81 4.42
CA TYR A 167 -16.39 10.09 3.25
C TYR A 167 -16.55 8.95 2.25
N SER A 168 -16.46 7.71 2.72
CA SER A 168 -16.57 6.56 1.85
C SER A 168 -17.93 6.54 1.16
N GLU A 169 -18.97 6.96 1.87
CA GLU A 169 -20.31 6.97 1.33
C GLU A 169 -20.38 7.87 0.09
N VAL A 170 -19.90 9.10 0.21
CA VAL A 170 -19.92 9.99 -0.93
C VAL A 170 -19.24 9.31 -2.12
N ILE A 171 -18.12 8.64 -1.85
CA ILE A 171 -17.32 8.09 -2.91
C ILE A 171 -18.05 6.90 -3.56
N PHE A 172 -18.66 6.04 -2.73
CA PHE A 172 -19.38 4.87 -3.22
C PHE A 172 -20.60 5.33 -4.04
N LYS A 173 -21.25 6.41 -3.58
CA LYS A 173 -22.43 6.93 -4.22
C LYS A 173 -22.09 7.43 -5.62
N ASN A 174 -20.93 8.05 -5.83
CA ASN A 174 -20.65 8.62 -7.14
C ASN A 174 -19.94 7.63 -8.07
N LEU A 175 -19.22 6.63 -7.53
CA LEU A 175 -18.30 5.81 -8.32
C LEU A 175 -18.53 4.31 -8.12
N GLY A 176 -19.28 3.93 -7.09
CA GLY A 176 -19.35 2.54 -6.69
C GLY A 176 -19.44 1.57 -7.88
N ASP A 177 -20.52 1.65 -8.65
CA ASP A 177 -20.89 0.56 -9.57
C ASP A 177 -19.90 0.50 -10.74
N ILE A 178 -19.31 1.64 -11.15
CA ILE A 178 -18.43 1.70 -12.30
C ILE A 178 -16.94 1.52 -11.96
N VAL A 179 -16.58 1.19 -10.71
CA VAL A 179 -15.20 0.93 -10.32
C VAL A 179 -15.13 -0.49 -9.78
N PRO A 180 -14.60 -1.46 -10.53
CA PRO A 180 -14.66 -2.86 -10.10
C PRO A 180 -13.82 -3.34 -8.90
N ILE A 181 -12.84 -2.53 -8.44
CA ILE A 181 -11.93 -2.96 -7.39
C ILE A 181 -11.75 -1.82 -6.40
N TRP A 182 -12.04 -2.10 -5.13
CA TRP A 182 -11.90 -1.12 -4.08
C TRP A 182 -10.97 -1.61 -2.99
N PHE A 183 -10.12 -0.74 -2.43
CA PHE A 183 -9.41 -1.08 -1.20
C PHE A 183 -9.74 -0.03 -0.16
N THR A 184 -10.15 -0.47 1.03
CA THR A 184 -10.49 0.47 2.10
C THR A 184 -9.25 1.29 2.47
N HIS A 185 -8.16 0.55 2.78
CA HIS A 185 -6.96 1.08 3.42
C HIS A 185 -5.70 0.52 2.77
N ASN A 186 -4.68 1.35 2.76
CA ASN A 186 -3.35 0.89 2.42
C ASN A 186 -2.48 0.83 3.69
N GLU A 187 -1.97 -0.36 4.01
CA GLU A 187 -0.87 -0.54 4.95
C GLU A 187 -1.18 0.12 6.28
N PRO A 188 -2.28 -0.26 6.96
CA PRO A 188 -2.57 0.27 8.30
C PRO A 188 -1.44 0.01 9.29
N GLY A 189 -0.66 -1.04 9.07
CA GLY A 189 0.48 -1.36 9.93
C GLY A 189 1.59 -0.32 9.89
N VAL A 190 1.89 0.21 8.70
CA VAL A 190 2.85 1.31 8.57
C VAL A 190 2.36 2.61 9.20
N VAL A 191 1.13 3.03 8.88
CA VAL A 191 0.53 4.22 9.49
C VAL A 191 0.63 4.14 10.99
N SER A 192 0.39 2.92 11.48
CA SER A 192 0.45 2.59 12.89
C SER A 192 1.88 2.72 13.43
N LEU A 193 2.78 1.85 13.00
CA LEU A 193 4.12 1.76 13.58
C LEU A 193 4.94 3.03 13.28
N LEU A 194 5.16 3.32 12.01
CA LEU A 194 5.98 4.45 11.60
C LEU A 194 5.32 5.78 11.93
N GLY A 195 3.99 5.89 11.84
CA GLY A 195 3.34 7.19 12.04
C GLY A 195 2.97 7.50 13.50
N HIS A 196 2.70 6.47 14.29
CA HIS A 196 2.38 6.73 15.70
C HIS A 196 3.33 6.06 16.71
N PHE A 197 4.36 5.33 16.30
CA PHE A 197 5.21 4.72 17.33
C PHE A 197 6.62 5.25 17.16
N LEU A 198 7.19 5.06 15.97
CA LEU A 198 8.51 5.53 15.63
C LEU A 198 8.49 7.03 15.31
N GLY A 199 7.39 7.51 14.74
CA GLY A 199 7.19 8.93 14.49
C GLY A 199 7.96 9.47 13.29
N ILE A 200 8.43 8.57 12.42
CA ILE A 200 9.16 8.93 11.21
C ILE A 200 8.20 9.10 10.03
N HIS A 201 6.91 8.82 10.21
CA HIS A 201 5.89 9.21 9.26
C HIS A 201 4.83 10.09 9.91
N ALA A 202 4.04 10.77 9.07
CA ALA A 202 2.95 11.58 9.57
C ALA A 202 2.01 10.69 10.38
N PRO A 203 1.46 11.14 11.51
CA PRO A 203 1.68 12.49 12.03
C PRO A 203 2.83 12.63 13.01
N GLY A 204 3.79 11.71 13.02
CA GLY A 204 4.98 11.89 13.83
C GLY A 204 4.69 11.78 15.32
N ILE A 205 3.93 10.77 15.73
CA ILE A 205 3.67 10.52 17.14
C ILE A 205 4.51 9.32 17.58
N LYS A 206 4.97 9.36 18.85
CA LYS A 206 5.81 8.30 19.40
C LYS A 206 5.22 7.75 20.71
N ASP A 207 4.22 6.87 20.61
CA ASP A 207 3.59 6.30 21.79
C ASP A 207 3.00 4.92 21.47
N LEU A 208 3.57 3.91 22.12
CA LEU A 208 3.19 2.53 21.83
C LEU A 208 1.68 2.33 21.90
N ARG A 209 1.08 2.81 22.99
CA ARG A 209 -0.32 2.56 23.23
C ARG A 209 -1.15 3.28 22.16
N THR A 210 -0.83 4.55 21.90
CA THR A 210 -1.52 5.32 20.89
C THR A 210 -1.48 4.52 19.59
N SER A 211 -0.32 3.92 19.29
CA SER A 211 -0.14 3.21 18.03
C SER A 211 -1.11 2.04 17.92
N LEU A 212 -1.47 1.42 19.07
CA LEU A 212 -2.31 0.23 19.04
C LEU A 212 -3.79 0.61 18.97
N GLU A 213 -4.19 1.70 19.65
CA GLU A 213 -5.53 2.26 19.50
C GLU A 213 -5.77 2.59 18.03
N VAL A 214 -4.78 3.24 17.42
CA VAL A 214 -4.81 3.60 16.01
C VAL A 214 -4.98 2.36 15.14
N SER A 215 -4.13 1.36 15.35
CA SER A 215 -4.26 0.17 14.54
C SER A 215 -5.71 -0.34 14.57
N HIS A 216 -6.35 -0.30 15.74
CA HIS A 216 -7.68 -0.85 15.97
C HIS A 216 -8.75 -0.01 15.26
N ASN A 217 -8.65 1.33 15.39
CA ASN A 217 -9.55 2.26 14.72
C ASN A 217 -9.40 2.19 13.21
N LEU A 218 -8.19 1.95 12.72
CA LEU A 218 -8.05 1.73 11.28
C LEU A 218 -8.80 0.48 10.86
N LEU A 219 -8.63 -0.64 11.59
CA LEU A 219 -9.38 -1.85 11.29
C LEU A 219 -10.90 -1.65 11.39
N LEU A 220 -11.34 -0.93 12.41
CA LEU A 220 -12.73 -0.61 12.59
C LEU A 220 -13.28 0.12 11.37
N SER A 221 -12.56 1.16 10.96
CA SER A 221 -13.01 2.02 9.88
C SER A 221 -13.13 1.17 8.61
N HIS A 222 -12.24 0.21 8.45
CA HIS A 222 -12.35 -0.72 7.33
C HIS A 222 -13.65 -1.52 7.39
N GLY A 223 -13.96 -2.03 8.59
CA GLY A 223 -15.17 -2.80 8.83
C GLY A 223 -16.42 -2.01 8.46
N LYS A 224 -16.47 -0.78 8.93
CA LYS A 224 -17.62 0.08 8.74
C LYS A 224 -17.81 0.38 7.25
N ALA A 225 -16.71 0.51 6.52
CA ALA A 225 -16.81 0.82 5.10
C ALA A 225 -17.24 -0.43 4.34
N VAL A 226 -16.74 -1.60 4.77
CA VAL A 226 -17.19 -2.83 4.13
C VAL A 226 -18.71 -2.99 4.35
N LYS A 227 -19.19 -2.81 5.59
CA LYS A 227 -20.60 -2.93 5.90
C LYS A 227 -21.42 -1.96 5.04
N LEU A 228 -20.98 -0.71 4.95
CA LEU A 228 -21.60 0.28 4.09
C LEU A 228 -21.63 -0.19 2.64
N PHE A 229 -20.53 -0.75 2.16
CA PHE A 229 -20.45 -1.20 0.76
C PHE A 229 -21.54 -2.22 0.45
N ARG A 230 -21.79 -3.15 1.39
CA ARG A 230 -22.82 -4.17 1.21
C ARG A 230 -24.21 -3.52 1.27
N GLU A 231 -24.39 -2.60 2.22
CA GLU A 231 -25.62 -1.87 2.46
C GLU A 231 -26.04 -1.04 1.25
N MET A 232 -25.06 -0.63 0.42
CA MET A 232 -25.34 0.11 -0.79
C MET A 232 -25.29 -0.83 -1.99
N ASN A 233 -25.09 -2.12 -1.69
CA ASN A 233 -25.10 -3.18 -2.69
C ASN A 233 -24.33 -2.76 -3.94
N ILE A 234 -23.08 -2.33 -3.72
CA ILE A 234 -22.20 -1.90 -4.78
C ILE A 234 -21.78 -3.14 -5.58
N ASP A 235 -21.80 -3.04 -6.90
CA ASP A 235 -21.59 -4.22 -7.71
C ASP A 235 -20.11 -4.28 -8.05
N ALA A 236 -19.28 -4.62 -7.06
CA ALA A 236 -17.84 -4.65 -7.25
C ALA A 236 -17.20 -5.40 -6.10
N GLN A 237 -15.88 -5.53 -6.13
CA GLN A 237 -15.15 -6.28 -5.11
C GLN A 237 -14.36 -5.32 -4.23
N ILE A 238 -14.51 -5.51 -2.93
CA ILE A 238 -13.81 -4.71 -1.96
C ILE A 238 -12.85 -5.60 -1.15
N GLY A 239 -11.74 -5.01 -0.73
CA GLY A 239 -10.79 -5.69 0.13
C GLY A 239 -9.96 -4.66 0.90
N ILE A 240 -8.77 -5.09 1.32
CA ILE A 240 -7.85 -4.22 2.03
C ILE A 240 -6.44 -4.62 1.62
N ALA A 241 -5.55 -3.62 1.64
CA ALA A 241 -4.21 -3.81 1.15
C ALA A 241 -3.23 -3.73 2.32
N LEU A 242 -2.63 -4.86 2.69
CA LEU A 242 -1.79 -4.88 3.87
C LEU A 242 -0.34 -5.00 3.43
N ASN A 243 0.56 -4.35 4.16
CA ASN A 243 1.99 -4.59 3.94
C ASN A 243 2.32 -5.94 4.54
N LEU A 244 2.80 -6.87 3.70
CA LEU A 244 3.18 -8.18 4.17
C LEU A 244 4.56 -8.60 3.66
N SER A 245 5.20 -9.42 4.47
CA SER A 245 6.51 -9.92 4.10
C SER A 245 6.72 -11.26 4.81
N TYR A 246 7.36 -12.23 4.16
CA TYR A 246 7.63 -13.47 4.86
C TYR A 246 8.80 -13.21 5.81
N HIS A 247 8.65 -13.63 7.08
CA HIS A 247 9.68 -13.49 8.08
C HIS A 247 10.33 -14.84 8.37
N TYR A 248 11.56 -15.00 7.94
CA TYR A 248 12.23 -16.28 8.09
C TYR A 248 13.00 -16.33 9.39
N PRO A 249 13.02 -17.49 10.07
CA PRO A 249 13.85 -17.68 11.26
C PRO A 249 15.31 -17.74 10.83
N ALA A 250 16.18 -17.19 11.68
CA ALA A 250 17.62 -17.16 11.38
C ALA A 250 18.20 -18.58 11.28
N SER A 251 17.66 -19.55 12.03
CA SER A 251 18.17 -20.92 12.06
C SER A 251 17.01 -21.86 12.35
N GLU A 252 17.29 -23.17 12.44
CA GLU A 252 16.27 -24.14 12.76
C GLU A 252 16.05 -24.22 14.28
N LYS A 253 16.75 -23.45 15.10
CA LYS A 253 16.59 -23.59 16.54
C LYS A 253 15.23 -23.06 16.96
N ALA A 254 14.66 -23.68 18.01
CA ALA A 254 13.29 -23.42 18.44
C ALA A 254 13.05 -21.95 18.75
N GLU A 255 14.04 -21.29 19.39
CA GLU A 255 13.84 -19.91 19.88
C GLU A 255 13.81 -18.94 18.70
N ASP A 256 14.41 -19.34 17.56
CA ASP A 256 14.42 -18.53 16.35
C ASP A 256 13.10 -18.70 15.58
N ILE A 257 12.55 -19.92 15.60
CA ILE A 257 11.25 -20.22 14.98
C ILE A 257 10.21 -19.30 15.62
N GLU A 258 10.23 -19.28 16.96
CA GLU A 258 9.29 -18.52 17.76
C GLU A 258 9.50 -17.02 17.60
N ALA A 259 10.76 -16.58 17.44
CA ALA A 259 11.02 -15.16 17.26
C ALA A 259 10.42 -14.68 15.93
N ALA A 260 10.59 -15.47 14.86
CA ALA A 260 10.10 -15.09 13.55
C ALA A 260 8.58 -15.06 13.53
N GLU A 261 7.94 -16.06 14.18
CA GLU A 261 6.50 -16.14 14.25
C GLU A 261 5.98 -14.99 15.10
N LEU A 262 6.74 -14.58 16.12
CA LEU A 262 6.31 -13.42 16.87
C LEU A 262 6.40 -12.16 16.01
N SER A 263 7.46 -12.11 15.21
CA SER A 263 7.76 -10.99 14.34
C SER A 263 6.60 -10.82 13.36
N PHE A 264 6.20 -11.94 12.76
CA PHE A 264 5.13 -11.93 11.76
C PHE A 264 3.79 -11.59 12.42
N SER A 265 3.62 -11.94 13.70
CA SER A 265 2.37 -11.67 14.37
C SER A 265 2.19 -10.20 14.63
N LEU A 266 3.29 -9.56 15.02
CA LEU A 266 3.24 -8.14 15.28
C LEU A 266 3.03 -7.32 14.02
N ALA A 267 3.59 -7.77 12.88
CA ALA A 267 3.59 -6.99 11.66
C ALA A 267 2.41 -7.31 10.74
N GLY A 268 2.04 -8.60 10.66
CA GLY A 268 1.15 -9.13 9.62
C GLY A 268 -0.11 -9.76 10.21
N ARG A 269 0.03 -10.72 11.11
CA ARG A 269 -1.12 -11.34 11.75
C ARG A 269 -1.90 -10.33 12.57
N TRP A 270 -1.26 -9.26 13.02
CA TRP A 270 -1.99 -8.24 13.76
C TRP A 270 -3.11 -7.61 12.90
N TYR A 271 -3.07 -7.76 11.56
CA TYR A 271 -4.04 -7.15 10.67
C TYR A 271 -4.79 -8.24 9.90
N LEU A 272 -4.09 -9.28 9.45
CA LEU A 272 -4.72 -10.44 8.84
C LEU A 272 -5.74 -11.13 9.76
N ASP A 273 -5.41 -11.34 11.04
CA ASP A 273 -6.22 -12.22 11.86
C ASP A 273 -7.53 -11.53 12.23
N PRO A 274 -7.56 -10.24 12.62
CA PRO A 274 -8.82 -9.52 12.83
C PRO A 274 -9.70 -9.49 11.58
N VAL A 275 -9.06 -9.31 10.43
CA VAL A 275 -9.80 -9.15 9.19
C VAL A 275 -10.35 -10.50 8.73
N LEU A 276 -9.55 -11.57 8.80
CA LEU A 276 -9.98 -12.82 8.19
C LEU A 276 -10.36 -13.88 9.23
N LYS A 277 -10.31 -13.57 10.53
CA LYS A 277 -10.68 -14.59 11.49
C LYS A 277 -11.29 -13.97 12.73
N GLY A 278 -11.54 -12.66 12.70
CA GLY A 278 -12.16 -11.96 13.82
C GLY A 278 -11.42 -12.11 15.15
N ARG A 279 -10.08 -12.11 15.15
CA ARG A 279 -9.33 -12.01 16.40
C ARG A 279 -7.95 -11.39 16.18
N TYR A 280 -7.39 -10.86 17.27
CA TYR A 280 -5.98 -10.51 17.32
C TYR A 280 -5.15 -11.74 17.62
N PRO A 281 -3.89 -11.81 17.16
CA PRO A 281 -3.03 -12.97 17.47
C PRO A 281 -2.61 -12.93 18.92
N GLU A 282 -2.66 -14.11 19.54
CA GLU A 282 -2.47 -14.26 20.97
C GLU A 282 -1.03 -13.93 21.40
N ASN A 283 -0.02 -14.38 20.62
CA ASN A 283 1.37 -14.17 21.04
C ASN A 283 1.72 -12.67 21.03
N ALA A 284 1.10 -11.90 20.13
CA ALA A 284 1.35 -10.46 20.11
C ALA A 284 0.69 -9.80 21.31
N LEU A 285 -0.51 -10.26 21.71
CA LEU A 285 -1.17 -9.67 22.85
C LEU A 285 -0.37 -10.01 24.10
N LYS A 286 0.23 -11.21 24.13
CA LYS A 286 1.10 -11.60 25.24
C LYS A 286 2.22 -10.57 25.38
N LEU A 287 2.98 -10.39 24.28
CA LEU A 287 4.08 -9.45 24.28
C LEU A 287 3.65 -8.08 24.83
N TYR A 288 2.56 -7.51 24.32
CA TYR A 288 2.19 -6.15 24.72
C TYR A 288 1.73 -6.11 26.18
N LYS A 289 1.17 -7.23 26.67
CA LYS A 289 0.85 -7.38 28.06
C LYS A 289 2.14 -7.22 28.86
N LYS A 290 3.17 -8.02 28.56
CA LYS A 290 4.45 -7.89 29.25
C LYS A 290 4.91 -6.43 29.34
N LYS A 291 4.61 -5.61 28.32
CA LYS A 291 5.05 -4.22 28.28
C LYS A 291 3.99 -3.28 28.84
N GLY A 292 2.98 -3.81 29.55
CA GLY A 292 2.09 -2.98 30.34
C GLY A 292 0.83 -2.53 29.59
N ILE A 293 0.47 -3.22 28.50
CA ILE A 293 -0.62 -2.71 27.67
C ILE A 293 -1.64 -3.81 27.43
N GLU A 294 -2.87 -3.61 27.92
CA GLU A 294 -3.99 -4.50 27.69
C GLU A 294 -5.07 -3.70 26.99
N LEU A 295 -5.84 -4.35 26.14
CA LEU A 295 -6.75 -3.59 25.30
C LEU A 295 -8.16 -4.04 25.59
N SER A 296 -9.09 -3.09 25.64
CA SER A 296 -10.49 -3.45 25.79
C SER A 296 -11.28 -3.05 24.54
N PHE A 297 -11.39 -4.02 23.63
CA PHE A 297 -12.14 -3.85 22.40
C PHE A 297 -13.54 -4.39 22.63
N PRO A 298 -14.60 -3.56 22.52
CA PRO A 298 -15.95 -4.09 22.33
C PRO A 298 -15.89 -5.29 21.38
N GLU A 299 -16.36 -6.46 21.85
CA GLU A 299 -16.18 -7.71 21.10
C GLU A 299 -16.97 -7.62 19.79
N ASP A 300 -17.95 -6.69 19.73
CA ASP A 300 -18.71 -6.44 18.52
C ASP A 300 -17.86 -5.73 17.45
N ASP A 301 -16.70 -5.17 17.83
CA ASP A 301 -15.78 -4.51 16.90
C ASP A 301 -15.09 -5.55 16.02
N LEU A 302 -14.65 -6.64 16.64
CA LEU A 302 -14.04 -7.72 15.90
C LEU A 302 -15.02 -8.33 14.91
N LYS A 303 -16.33 -8.25 15.19
CA LYS A 303 -17.28 -8.76 14.23
C LYS A 303 -17.42 -7.77 13.08
N LEU A 304 -17.41 -6.47 13.38
CA LEU A 304 -17.31 -5.45 12.34
C LEU A 304 -16.06 -5.61 11.47
N ILE A 305 -14.89 -5.73 12.10
CA ILE A 305 -13.62 -5.85 11.40
C ILE A 305 -13.60 -7.05 10.45
N SER A 306 -14.11 -8.21 10.89
CA SER A 306 -14.09 -9.40 10.03
C SER A 306 -15.30 -9.51 9.09
N GLN A 307 -16.01 -8.42 8.77
CA GLN A 307 -16.90 -8.49 7.62
C GLN A 307 -16.23 -9.28 6.48
N PRO A 308 -16.96 -10.20 5.81
CA PRO A 308 -16.44 -10.83 4.60
C PRO A 308 -16.03 -9.85 3.51
N ILE A 309 -14.88 -10.11 2.91
CA ILE A 309 -14.35 -9.32 1.79
C ILE A 309 -14.08 -10.27 0.65
N ASP A 310 -13.82 -9.71 -0.52
CA ASP A 310 -13.89 -10.44 -1.77
C ASP A 310 -12.49 -10.89 -2.13
N PHE A 311 -11.50 -10.22 -1.54
CA PHE A 311 -10.11 -10.64 -1.68
C PHE A 311 -9.31 -10.02 -0.55
N ILE A 312 -8.14 -10.59 -0.30
CA ILE A 312 -7.12 -9.95 0.52
C ILE A 312 -6.02 -9.46 -0.41
N ALA A 313 -5.55 -8.22 -0.22
CA ALA A 313 -4.43 -7.68 -1.00
C ALA A 313 -3.20 -7.38 -0.13
N PHE A 314 -2.03 -7.46 -0.75
CA PHE A 314 -0.86 -7.03 0.00
C PHE A 314 0.19 -6.35 -0.90
N ASN A 315 0.96 -5.54 -0.21
CA ASN A 315 2.11 -4.85 -0.75
C ASN A 315 3.32 -5.63 -0.25
N ASN A 316 4.17 -6.08 -1.19
CA ASN A 316 5.37 -6.79 -0.83
C ASN A 316 6.50 -6.35 -1.77
N TYR A 317 7.71 -6.28 -1.17
CA TYR A 317 8.96 -5.85 -1.78
C TYR A 317 10.11 -6.79 -1.42
N SER A 318 10.13 -7.28 -0.17
CA SER A 318 11.30 -7.97 0.34
C SER A 318 10.87 -9.03 1.37
N SER A 319 11.85 -9.58 2.09
CA SER A 319 11.58 -10.54 3.15
C SER A 319 12.45 -10.14 4.34
N GLU A 320 12.14 -10.72 5.51
CA GLU A 320 12.85 -10.42 6.74
C GLU A 320 13.54 -11.70 7.22
N PHE A 321 14.67 -11.53 7.92
CA PHE A 321 15.34 -12.63 8.62
C PHE A 321 15.50 -12.26 10.09
N ILE A 322 15.06 -13.16 10.99
CA ILE A 322 14.72 -12.79 12.35
C ILE A 322 15.39 -13.75 13.31
N LYS A 323 16.05 -13.21 14.35
CA LYS A 323 16.67 -14.04 15.36
C LYS A 323 16.07 -13.74 16.73
N TYR A 324 16.07 -14.74 17.60
CA TYR A 324 15.84 -14.56 19.02
C TYR A 324 16.78 -13.47 19.52
N ASP A 325 16.29 -12.56 20.36
CA ASP A 325 17.14 -11.53 20.93
C ASP A 325 16.57 -11.00 22.24
N PRO A 326 16.97 -11.61 23.38
CA PRO A 326 16.49 -11.16 24.69
C PRO A 326 16.82 -9.74 25.10
N SER A 327 17.80 -9.09 24.45
CA SER A 327 18.19 -7.74 24.82
C SER A 327 17.18 -6.75 24.23
N SER A 328 16.53 -7.16 23.13
CA SER A 328 15.59 -6.31 22.42
C SER A 328 14.32 -6.05 23.26
N GLU A 329 13.67 -4.91 23.03
CA GLU A 329 12.37 -4.60 23.62
C GLU A 329 11.31 -5.65 23.26
N SER A 330 11.42 -6.27 22.08
CA SER A 330 10.40 -7.20 21.58
C SER A 330 10.84 -8.67 21.63
N GLY A 331 12.06 -8.99 22.11
CA GLY A 331 12.52 -10.39 22.22
C GLY A 331 13.10 -10.94 20.91
N PHE A 332 13.25 -10.08 19.89
CA PHE A 332 13.76 -10.55 18.62
C PHE A 332 14.34 -9.34 17.91
N SER A 333 15.05 -9.59 16.81
CA SER A 333 15.63 -8.52 16.03
C SER A 333 16.09 -9.10 14.70
N PRO A 334 16.53 -8.28 13.75
CA PRO A 334 17.04 -8.81 12.48
C PRO A 334 18.37 -9.55 12.62
N ALA A 335 18.52 -10.57 11.77
CA ALA A 335 19.74 -11.35 11.61
C ALA A 335 20.60 -10.71 10.53
N ASN A 336 21.36 -9.68 10.92
CA ASN A 336 22.18 -8.91 9.99
C ASN A 336 23.26 -9.76 9.31
N SER A 337 23.83 -10.76 9.99
CA SER A 337 24.73 -11.74 9.38
C SER A 337 24.17 -12.30 8.06
N ILE A 338 22.96 -12.86 8.11
CA ILE A 338 22.30 -13.45 6.96
C ILE A 338 22.01 -12.36 5.92
N LEU A 339 21.54 -11.20 6.39
CA LEU A 339 21.13 -10.11 5.50
C LEU A 339 22.30 -9.65 4.61
N GLU A 340 23.52 -9.67 5.17
CA GLU A 340 24.72 -9.13 4.52
C GLU A 340 25.03 -9.85 3.21
N LYS A 341 24.35 -10.97 2.91
CA LYS A 341 24.77 -11.88 1.86
C LYS A 341 23.89 -11.82 0.61
N PHE A 342 22.82 -11.00 0.59
CA PHE A 342 22.00 -10.93 -0.62
C PHE A 342 22.33 -9.64 -1.36
N GLU A 343 21.98 -9.64 -2.66
CA GLU A 343 21.79 -8.42 -3.42
C GLU A 343 20.79 -7.51 -2.67
N LYS A 344 21.04 -6.19 -2.68
CA LYS A 344 20.15 -5.21 -2.08
C LYS A 344 19.64 -4.25 -3.15
N THR A 345 18.45 -3.66 -2.97
CA THR A 345 17.99 -2.60 -3.84
C THR A 345 18.63 -1.30 -3.38
N ASP A 346 18.26 -0.19 -4.02
CA ASP A 346 18.65 1.13 -3.56
C ASP A 346 18.00 1.50 -2.22
N MET A 347 17.05 0.70 -1.70
CA MET A 347 16.51 0.95 -0.37
C MET A 347 17.36 0.27 0.71
N GLY A 348 18.27 -0.64 0.33
CA GLY A 348 19.01 -1.40 1.33
C GLY A 348 18.28 -2.71 1.65
N TRP A 349 17.19 -3.00 0.92
CA TRP A 349 16.33 -4.18 1.08
C TRP A 349 16.87 -5.35 0.27
N ILE A 350 16.85 -6.54 0.85
CA ILE A 350 17.27 -7.74 0.15
C ILE A 350 16.30 -8.04 -0.99
N ILE A 351 16.90 -8.63 -2.03
CA ILE A 351 16.23 -9.26 -3.15
C ILE A 351 16.18 -10.76 -2.89
N TYR A 352 14.96 -11.31 -2.92
CA TYR A 352 14.77 -12.72 -2.57
C TYR A 352 13.41 -13.17 -3.09
N PRO A 353 13.31 -13.46 -4.40
CA PRO A 353 12.02 -13.77 -5.03
C PRO A 353 11.24 -14.94 -4.43
N GLU A 354 11.96 -15.94 -3.90
CA GLU A 354 11.31 -17.11 -3.32
C GLU A 354 10.43 -16.67 -2.15
N GLY A 355 10.82 -15.57 -1.51
CA GLY A 355 10.05 -14.96 -0.46
C GLY A 355 8.59 -14.70 -0.87
N LEU A 356 8.34 -14.34 -2.13
CA LEU A 356 6.98 -14.03 -2.53
C LEU A 356 6.16 -15.32 -2.64
N TYR A 357 6.82 -16.38 -3.12
CA TYR A 357 6.16 -17.68 -3.21
C TYR A 357 5.75 -18.13 -1.80
N ASP A 358 6.70 -18.10 -0.84
CA ASP A 358 6.43 -18.63 0.48
C ASP A 358 5.30 -17.82 1.13
N LEU A 359 5.25 -16.51 0.87
CA LEU A 359 4.24 -15.64 1.44
C LEU A 359 2.89 -15.96 0.82
N LEU A 360 2.87 -16.13 -0.50
CA LEU A 360 1.63 -16.49 -1.20
C LEU A 360 1.09 -17.82 -0.68
N MET A 361 1.97 -18.81 -0.48
CA MET A 361 1.55 -20.12 0.00
C MET A 361 1.04 -20.00 1.44
N LEU A 362 1.66 -19.13 2.24
CA LEU A 362 1.26 -19.01 3.63
C LEU A 362 -0.18 -18.51 3.69
N LEU A 363 -0.47 -17.46 2.93
CA LEU A 363 -1.80 -16.87 2.84
C LEU A 363 -2.84 -17.90 2.41
N ASP A 364 -2.50 -18.66 1.38
CA ASP A 364 -3.40 -19.67 0.87
C ASP A 364 -3.75 -20.71 1.94
N ARG A 365 -2.72 -21.21 2.63
CA ARG A 365 -2.84 -22.26 3.61
C ARG A 365 -3.51 -21.77 4.89
N ASP A 366 -3.19 -20.58 5.39
CA ASP A 366 -3.64 -20.19 6.72
C ASP A 366 -5.00 -19.46 6.65
N TYR A 367 -5.49 -19.05 5.48
CA TYR A 367 -6.69 -18.21 5.47
C TYR A 367 -7.72 -18.78 4.49
N GLY A 368 -7.71 -20.10 4.28
CA GLY A 368 -8.78 -20.78 3.59
C GLY A 368 -8.80 -20.48 2.09
N LYS A 369 -7.62 -20.46 1.47
CA LYS A 369 -7.50 -20.32 0.04
C LYS A 369 -8.26 -19.09 -0.46
N PRO A 370 -8.01 -17.88 0.10
CA PRO A 370 -8.71 -16.69 -0.36
C PRO A 370 -8.24 -16.27 -1.74
N ASN A 371 -9.03 -15.39 -2.35
CA ASN A 371 -8.60 -14.63 -3.50
C ASN A 371 -7.54 -13.62 -3.06
N ILE A 372 -6.51 -13.46 -3.87
CA ILE A 372 -5.37 -12.67 -3.46
C ILE A 372 -5.00 -11.73 -4.59
N VAL A 373 -4.79 -10.46 -4.24
CA VAL A 373 -4.23 -9.46 -5.13
C VAL A 373 -2.87 -9.03 -4.61
N ILE A 374 -1.88 -8.94 -5.52
CA ILE A 374 -0.68 -8.23 -5.14
C ILE A 374 -0.93 -6.77 -5.48
N SER A 375 -1.26 -5.96 -4.44
CA SER A 375 -1.61 -4.55 -4.64
C SER A 375 -0.37 -3.72 -4.95
N GLU A 376 0.82 -4.22 -4.56
CA GLU A 376 2.05 -3.53 -4.91
C GLU A 376 3.26 -4.46 -4.90
N ASN A 377 4.09 -4.26 -5.94
CA ASN A 377 5.36 -4.91 -6.02
C ASN A 377 6.20 -4.11 -7.01
N GLY A 378 7.48 -4.00 -6.69
CA GLY A 378 8.38 -3.12 -7.40
C GLY A 378 9.74 -3.03 -6.70
N ALA A 379 10.60 -2.17 -7.23
CA ALA A 379 11.87 -1.91 -6.58
C ALA A 379 12.48 -0.60 -7.06
N ALA A 380 13.49 -0.19 -6.32
CA ALA A 380 14.14 1.09 -6.49
C ALA A 380 15.62 0.84 -6.72
N PHE A 381 16.09 1.34 -7.88
CA PHE A 381 17.51 1.37 -8.22
C PHE A 381 17.87 2.73 -8.77
N LYS A 382 19.16 3.10 -8.68
CA LYS A 382 19.63 4.39 -9.20
C LYS A 382 19.42 4.35 -10.70
N ASP A 383 18.53 5.22 -11.19
CA ASP A 383 18.18 5.35 -12.60
C ASP A 383 18.92 6.56 -13.20
N GLU A 384 19.55 6.40 -14.36
CA GLU A 384 20.17 7.51 -15.09
C GLU A 384 19.56 7.54 -16.49
N ILE A 385 19.34 8.74 -17.02
CA ILE A 385 19.04 8.90 -18.43
C ILE A 385 20.37 8.94 -19.17
N GLY A 386 20.57 7.99 -20.09
CA GLY A 386 21.75 7.98 -20.92
C GLY A 386 21.74 9.09 -21.97
N SER A 387 22.92 9.33 -22.54
CA SER A 387 23.02 10.17 -23.74
C SER A 387 22.08 9.68 -24.83
N ASN A 388 21.55 8.45 -24.80
CA ASN A 388 20.57 8.12 -25.81
C ASN A 388 19.16 8.59 -25.48
N GLY A 389 18.95 9.26 -24.33
CA GLY A 389 17.62 9.70 -23.92
C GLY A 389 16.74 8.61 -23.28
N LYS A 390 17.26 7.39 -23.08
CA LYS A 390 16.48 6.30 -22.52
C LYS A 390 16.97 5.92 -21.13
N ILE A 391 16.13 5.17 -20.38
CA ILE A 391 16.50 4.66 -19.08
C ILE A 391 16.57 3.15 -19.13
N GLU A 392 17.79 2.61 -19.08
CA GLU A 392 17.98 1.19 -19.29
C GLU A 392 18.11 0.55 -17.91
N ASP A 393 16.96 0.27 -17.29
CA ASP A 393 16.91 -0.13 -15.89
C ASP A 393 16.78 -1.64 -15.83
N THR A 394 17.89 -2.32 -16.10
CA THR A 394 17.80 -3.77 -16.29
C THR A 394 17.74 -4.43 -14.92
N LYS A 395 18.31 -3.80 -13.88
CA LYS A 395 18.19 -4.37 -12.55
C LYS A 395 16.71 -4.50 -12.14
N ARG A 396 15.88 -3.53 -12.56
CA ARG A 396 14.45 -3.52 -12.25
C ARG A 396 13.72 -4.60 -13.05
N ILE A 397 14.07 -4.73 -14.32
CA ILE A 397 13.52 -5.78 -15.18
C ILE A 397 13.86 -7.16 -14.60
N GLN A 398 15.11 -7.36 -14.16
CA GLN A 398 15.53 -8.63 -13.56
C GLN A 398 14.72 -8.90 -12.28
N TYR A 399 14.66 -7.92 -11.37
CA TYR A 399 13.83 -8.05 -10.17
C TYR A 399 12.41 -8.47 -10.57
N LEU A 400 11.78 -7.75 -11.52
CA LEU A 400 10.38 -8.03 -11.82
C LEU A 400 10.24 -9.43 -12.40
N LYS A 401 11.12 -9.78 -13.37
CA LYS A 401 11.19 -11.14 -13.91
C LYS A 401 11.23 -12.15 -12.75
N ASP A 402 12.19 -11.96 -11.83
CA ASP A 402 12.43 -12.91 -10.75
C ASP A 402 11.20 -13.03 -9.84
N TYR A 403 10.66 -11.90 -9.40
CA TYR A 403 9.53 -11.94 -8.48
C TYR A 403 8.30 -12.50 -9.22
N LEU A 404 8.11 -12.15 -10.50
CA LEU A 404 6.93 -12.64 -11.19
C LEU A 404 7.03 -14.15 -11.47
N THR A 405 8.25 -14.67 -11.56
CA THR A 405 8.41 -16.10 -11.77
C THR A 405 7.91 -16.81 -10.52
N GLN A 406 8.19 -16.23 -9.34
CA GLN A 406 7.78 -16.84 -8.08
C GLN A 406 6.28 -16.74 -7.90
N ALA A 407 5.68 -15.65 -8.36
CA ALA A 407 4.23 -15.50 -8.32
C ALA A 407 3.56 -16.58 -9.17
N HIS A 408 4.03 -16.68 -10.42
CA HIS A 408 3.57 -17.68 -11.37
C HIS A 408 3.63 -19.09 -10.75
N ARG A 409 4.80 -19.44 -10.19
CA ARG A 409 5.03 -20.73 -9.56
C ARG A 409 3.92 -21.02 -8.55
N ALA A 410 3.52 -19.99 -7.80
CA ALA A 410 2.52 -20.13 -6.77
C ALA A 410 1.11 -20.29 -7.37
N ILE A 411 0.83 -19.67 -8.52
CA ILE A 411 -0.43 -19.95 -9.19
C ILE A 411 -0.46 -21.42 -9.58
N GLN A 412 0.70 -21.96 -10.01
CA GLN A 412 0.73 -23.34 -10.49
C GLN A 412 0.41 -24.25 -9.32
N ASP A 413 0.98 -23.95 -8.14
CA ASP A 413 0.80 -24.78 -6.96
C ASP A 413 -0.52 -24.45 -6.28
N GLY A 414 -1.47 -23.80 -6.99
CA GLY A 414 -2.86 -23.72 -6.52
C GLY A 414 -3.28 -22.49 -5.70
N VAL A 415 -2.52 -21.38 -5.74
CA VAL A 415 -2.91 -20.16 -5.04
C VAL A 415 -3.85 -19.34 -5.92
N ASN A 416 -4.87 -18.70 -5.33
CA ASN A 416 -5.82 -17.94 -6.16
C ASN A 416 -5.39 -16.48 -6.36
N LEU A 417 -4.28 -16.26 -7.04
CA LEU A 417 -3.77 -14.91 -7.24
C LEU A 417 -4.35 -14.29 -8.51
N LYS A 418 -5.09 -13.18 -8.42
CA LYS A 418 -5.93 -12.74 -9.53
C LYS A 418 -5.38 -11.50 -10.25
N ALA A 419 -4.51 -10.73 -9.58
CA ALA A 419 -4.00 -9.46 -10.09
C ALA A 419 -2.62 -9.17 -9.52
N TYR A 420 -1.83 -8.45 -10.31
CA TYR A 420 -0.56 -7.90 -9.90
C TYR A 420 -0.51 -6.44 -10.29
N TYR A 421 -0.29 -5.56 -9.30
CA TYR A 421 -0.10 -4.12 -9.50
C TYR A 421 1.36 -3.78 -9.27
N LEU A 422 1.95 -3.24 -10.33
CA LEU A 422 3.34 -2.86 -10.28
C LEU A 422 3.43 -1.48 -9.66
N TRP A 423 4.16 -1.39 -8.56
CA TRP A 423 4.49 -0.14 -7.92
C TRP A 423 5.83 0.30 -8.46
N SER A 424 5.93 1.46 -9.13
CA SER A 424 4.89 2.44 -9.34
C SER A 424 4.83 2.79 -10.81
N LEU A 425 3.67 3.28 -11.27
CA LEU A 425 3.57 3.85 -12.61
C LEU A 425 4.60 4.95 -12.80
N LEU A 426 4.65 5.92 -11.86
CA LEU A 426 5.44 7.13 -11.96
C LEU A 426 6.49 7.14 -10.83
N ASP A 427 7.68 7.70 -11.07
CA ASP A 427 8.56 8.01 -9.96
C ASP A 427 7.85 9.05 -9.11
N ASN A 428 8.09 9.04 -7.80
CA ASN A 428 7.18 9.80 -6.95
C ASN A 428 7.85 10.14 -5.62
N PHE A 429 7.11 10.95 -4.83
CA PHE A 429 7.49 11.29 -3.47
C PHE A 429 7.35 10.05 -2.60
N GLU A 430 8.51 9.54 -2.17
CA GLU A 430 8.61 8.29 -1.44
C GLU A 430 8.71 8.58 0.05
N TRP A 431 7.69 9.29 0.54
CA TRP A 431 7.51 9.54 1.97
C TRP A 431 8.81 10.07 2.58
N ALA A 432 9.38 9.42 3.62
CA ALA A 432 10.49 10.03 4.34
C ALA A 432 11.75 10.14 3.48
N TYR A 433 11.87 9.37 2.40
CA TYR A 433 13.00 9.44 1.48
C TYR A 433 12.84 10.52 0.41
N GLY A 434 11.70 11.19 0.36
CA GLY A 434 11.48 12.21 -0.67
C GLY A 434 11.55 11.63 -2.07
N TYR A 435 12.25 12.33 -2.98
CA TYR A 435 12.33 11.97 -4.40
C TYR A 435 13.61 11.21 -4.73
N ASN A 436 14.46 10.94 -3.72
CA ASN A 436 15.71 10.23 -3.89
C ASN A 436 15.58 8.77 -4.28
N LYS A 437 14.39 8.15 -4.18
CA LYS A 437 14.24 6.73 -4.42
C LYS A 437 13.18 6.56 -5.50
N ARG A 438 13.59 5.96 -6.64
CA ARG A 438 12.73 5.91 -7.82
C ARG A 438 12.16 4.52 -7.96
N PHE A 439 10.84 4.41 -8.05
CA PHE A 439 10.23 3.10 -8.16
C PHE A 439 9.47 3.01 -9.47
N GLY A 440 9.47 4.08 -10.25
CA GLY A 440 8.59 4.14 -11.40
C GLY A 440 9.05 3.20 -12.51
N ILE A 441 8.08 2.84 -13.38
CA ILE A 441 8.36 2.34 -14.71
C ILE A 441 8.34 3.50 -15.71
N VAL A 442 7.93 4.67 -15.23
CA VAL A 442 8.02 5.90 -16.01
C VAL A 442 8.84 6.89 -15.20
N HIS A 443 9.87 7.45 -15.85
CA HIS A 443 10.77 8.36 -15.20
C HIS A 443 10.12 9.73 -15.16
N VAL A 444 10.29 10.42 -14.01
CA VAL A 444 9.81 11.78 -13.87
C VAL A 444 10.98 12.65 -13.46
N ASN A 445 11.19 13.70 -14.26
CA ASN A 445 12.05 14.82 -13.91
C ASN A 445 11.23 15.82 -13.10
N PHE A 446 11.65 16.04 -11.85
CA PHE A 446 10.80 16.77 -10.92
C PHE A 446 10.99 18.28 -11.08
N ASP A 447 11.96 18.74 -11.88
CA ASP A 447 12.06 20.16 -12.22
C ASP A 447 11.14 20.47 -13.41
N THR A 448 11.18 19.67 -14.47
CA THR A 448 10.47 19.98 -15.70
C THR A 448 9.11 19.31 -15.75
N LEU A 449 8.95 18.19 -14.98
CA LEU A 449 7.71 17.42 -14.90
C LEU A 449 7.46 16.59 -16.17
N GLU A 450 8.54 16.32 -16.90
CA GLU A 450 8.45 15.53 -18.11
C GLU A 450 8.54 14.03 -17.75
N ARG A 451 7.77 13.22 -18.47
CA ARG A 451 7.74 11.78 -18.31
C ARG A 451 8.45 11.06 -19.46
N LYS A 452 9.27 10.07 -19.10
CA LYS A 452 9.93 9.19 -20.05
C LYS A 452 9.72 7.76 -19.59
N ILE A 453 9.07 6.96 -20.42
CA ILE A 453 8.90 5.54 -20.14
C ILE A 453 10.29 4.88 -20.05
N LYS A 454 10.55 4.17 -18.95
CA LYS A 454 11.81 3.47 -18.79
C LYS A 454 11.70 2.12 -19.49
N ASP A 455 12.83 1.41 -19.57
CA ASP A 455 12.82 0.13 -20.27
C ASP A 455 11.93 -0.86 -19.51
N SER A 456 11.93 -0.77 -18.17
CA SER A 456 11.06 -1.65 -17.39
C SER A 456 9.62 -1.47 -17.85
N GLY A 457 9.27 -0.25 -18.21
CA GLY A 457 7.95 0.03 -18.74
C GLY A 457 7.71 -0.67 -20.08
N TYR A 458 8.70 -0.59 -20.98
CA TYR A 458 8.61 -1.16 -22.32
C TYR A 458 8.51 -2.67 -22.20
N TRP A 459 9.35 -3.22 -21.32
CA TRP A 459 9.27 -4.60 -20.91
C TRP A 459 7.90 -5.02 -20.39
N TYR A 460 7.34 -4.27 -19.46
CA TYR A 460 6.05 -4.60 -18.89
C TYR A 460 4.99 -4.61 -19.99
N LYS A 461 5.07 -3.66 -20.90
CA LYS A 461 4.17 -3.59 -22.06
C LYS A 461 4.14 -4.92 -22.80
N GLU A 462 5.32 -5.54 -22.95
CA GLU A 462 5.41 -6.78 -23.69
C GLU A 462 4.87 -7.91 -22.81
N VAL A 463 5.16 -7.84 -21.51
CA VAL A 463 4.68 -8.84 -20.59
C VAL A 463 3.16 -8.88 -20.67
N ILE A 464 2.54 -7.73 -20.81
CA ILE A 464 1.09 -7.69 -20.77
C ILE A 464 0.52 -8.24 -22.07
N LYS A 465 1.04 -7.76 -23.21
CA LYS A 465 0.71 -8.29 -24.53
C LYS A 465 0.62 -9.81 -24.54
N ASN A 466 1.67 -10.43 -23.99
CA ASN A 466 1.86 -11.86 -24.08
C ASN A 466 1.22 -12.60 -22.91
N ASN A 467 0.70 -11.89 -21.89
CA ASN A 467 0.28 -12.50 -20.64
C ASN A 467 1.42 -13.30 -20.01
N GLY A 468 2.66 -12.84 -20.18
CA GLY A 468 3.80 -13.44 -19.51
C GLY A 468 5.12 -13.21 -20.25
N PHE A 469 6.07 -14.10 -19.96
CA PHE A 469 7.42 -14.03 -20.48
C PHE A 469 8.06 -15.41 -20.19
C1 GOL B . 2.93 2.29 0.28
O1 GOL B . 2.53 0.98 -0.07
C2 GOL B . 3.73 2.93 -0.84
O2 GOL B . 3.10 4.18 -1.15
C3 GOL B . 5.18 3.15 -0.47
O3 GOL B . 6.03 3.01 -1.61
H11 GOL B . 3.47 2.26 1.10
H12 GOL B . 2.13 2.83 0.47
HO1 GOL B . 2.14 0.57 0.56
H2 GOL B . 3.69 2.35 -1.63
HO2 GOL B . 3.70 4.77 -1.04
H31 GOL B . 5.45 2.50 0.21
H32 GOL B . 5.30 4.05 -0.10
HO3 GOL B . 5.83 3.61 -2.18
#